data_4UFF
#
_entry.id   4UFF
#
_cell.length_a   70.429
_cell.length_b   71.562
_cell.length_c   72.450
_cell.angle_alpha   90.00
_cell.angle_beta   100.49
_cell.angle_gamma   90.00
#
_symmetry.space_group_name_H-M   'C 1 2 1'
#
loop_
_entity.id
_entity.type
_entity.pdbx_description
1 polymer 'THROMBIN HEAVY CHAIN'
2 polymer 'HIRUDIN VARIANT-2'
3 polymer 'THROMBIN LIGHT CHAIN'
4 non-polymer 'SODIUM ION'
5 non-polymer (2R)-2-(benzylsulfonylamino)-N-(2-((4-carbamimidoylphenyl)methylamino)-2-oxo-ethyl)-N-methyl-3-phenyl-propanamide
6 non-polymer 'PHOSPHATE ION'
7 non-polymer 2-acetamido-2-deoxy-beta-D-glucopyranose
8 water water
#
loop_
_entity_poly.entity_id
_entity_poly.type
_entity_poly.pdbx_seq_one_letter_code
_entity_poly.pdbx_strand_id
1 'polypeptide(L)'
;IVEGSDAEIGMSPWQVMLFRKSPQELLCGASLISDRWVLTAAHCLLYPPWDKNFTENDLLVRIGKHSRTRYERNIEKISM
LEKIYIHPRYNWRENLDRDIALMKLKKPVAFSDYIHPVCLPDRETAASLLQAGYKGRVTGWGNLKETWTANVGKGQPSVL
QVVNLPIVERPVCKDSTRIRITDNMFCAGYKPDEGKRGDACEGDSGGPFVMKSPFNNRWYQMGIVSWGEGCDRDGKYGFY
THVFRLKKWIQKVIDQFG
;
H
2 'polypeptide(L)' GDFEEIPEE(TYS)LQ I
3 'polypeptide(L)' EADCGLRPLFEKKSLEDKTERELLESYID L
#
loop_
_chem_comp.id
_chem_comp.type
_chem_comp.name
_chem_comp.formula
6V2 non-polymer (2R)-2-(benzylsulfonylamino)-N-(2-((4-carbamimidoylphenyl)methylamino)-2-oxo-ethyl)-N-methyl-3-phenyl-propanamide 'C27 H31 N5 O4 S'
NA non-polymer 'SODIUM ION' 'Na 1'
NAG D-saccharide, beta linking 2-acetamido-2-deoxy-beta-D-glucopyranose 'C8 H15 N O6'
PO4 non-polymer 'PHOSPHATE ION' 'O4 P -3'
#
# COMPACT_ATOMS: atom_id res chain seq x y z
N ILE A 1 -5.62 9.64 0.37
CA ILE A 1 -6.73 8.99 1.03
C ILE A 1 -7.88 9.98 1.24
N VAL A 2 -9.07 9.64 0.75
CA VAL A 2 -10.25 10.48 0.89
C VAL A 2 -11.12 9.98 2.04
N GLU A 3 -11.58 10.91 2.88
CA GLU A 3 -12.47 10.61 4.00
C GLU A 3 -11.86 9.62 5.00
N GLY A 4 -10.55 9.70 5.18
CA GLY A 4 -9.87 8.96 6.22
C GLY A 4 -9.50 9.83 7.40
N SER A 5 -8.51 9.39 8.16
CA SER A 5 -8.04 10.12 9.33
C SER A 5 -6.52 10.02 9.50
N ASP A 6 -5.97 10.88 10.36
CA ASP A 6 -4.55 10.81 10.69
C ASP A 6 -4.18 9.46 11.28
N ALA A 7 -3.13 8.84 10.76
CA ALA A 7 -2.58 7.63 11.35
C ALA A 7 -2.06 7.90 12.75
N GLU A 8 -2.09 6.87 13.60
CA GLU A 8 -1.38 6.93 14.87
C GLU A 8 0.09 6.69 14.64
N ILE A 9 0.94 7.16 15.55
CA ILE A 9 2.36 6.89 15.46
C ILE A 9 2.61 5.38 15.51
N GLY A 10 3.37 4.88 14.55
CA GLY A 10 3.70 3.46 14.49
C GLY A 10 2.57 2.53 14.09
N MET A 11 1.47 3.10 13.59
CA MET A 11 0.29 2.32 13.21
C MET A 11 0.51 1.42 11.99
N SER A 12 1.36 1.90 11.10
CA SER A 12 1.62 1.24 9.82
CA SER A 12 1.63 1.21 9.84
C SER A 12 3.13 1.23 9.55
N PRO A 13 3.90 0.48 10.36
CA PRO A 13 5.36 0.62 10.30
C PRO A 13 5.98 -0.03 9.07
N TRP A 14 5.16 -0.70 8.26
CA TRP A 14 5.57 -1.22 6.96
C TRP A 14 5.33 -0.21 5.83
N GLN A 15 4.70 0.91 6.14
CA GLN A 15 4.41 1.89 5.09
C GLN A 15 5.70 2.50 4.55
N VAL A 16 5.80 2.55 3.23
CA VAL A 16 6.97 3.11 2.56
C VAL A 16 6.51 4.24 1.66
N MET A 17 7.32 5.30 1.59
CA MET A 17 7.13 6.35 0.61
C MET A 17 8.13 6.21 -0.52
N LEU A 18 7.63 6.13 -1.75
N LEU A 18 7.62 6.16 -1.75
CA LEU A 18 8.50 6.19 -2.90
CA LEU A 18 8.46 6.18 -2.95
C LEU A 18 8.69 7.65 -3.25
C LEU A 18 8.68 7.65 -3.30
N PHE A 19 9.94 8.09 -3.25
CA PHE A 19 10.25 9.51 -3.35
C PHE A 19 11.09 9.80 -4.59
N ARG A 20 10.61 10.71 -5.42
CA ARG A 20 11.34 11.13 -6.62
C ARG A 20 12.47 12.07 -6.20
N LYS A 21 13.67 11.84 -6.73
CA LYS A 21 14.84 12.64 -6.36
C LYS A 21 14.83 14.04 -6.99
N SER A 22 14.45 14.12 -8.26
CA SER A 22 14.41 15.41 -8.94
C SER A 22 13.31 15.44 -10.00
N PRO A 23 12.29 16.29 -9.78
CA PRO A 23 12.09 17.14 -8.60
C PRO A 23 11.72 16.33 -7.36
N GLN A 24 12.05 16.84 -6.18
CA GLN A 24 11.74 16.12 -4.94
C GLN A 24 10.24 16.12 -4.71
N GLU A 25 9.62 14.94 -4.76
CA GLU A 25 8.17 14.83 -4.62
C GLU A 25 7.75 13.39 -4.33
N LEU A 26 6.54 13.24 -3.77
CA LEU A 26 5.93 11.93 -3.57
C LEU A 26 5.63 11.28 -4.92
N LEU A 27 6.10 10.04 -5.10
CA LEU A 27 5.72 9.30 -6.29
C LEU A 27 4.58 8.34 -6.00
N CYS A 28 4.72 7.59 -4.91
CA CYS A 28 3.78 6.52 -4.62
C CYS A 28 3.97 6.03 -3.21
N GLY A 29 3.06 5.17 -2.77
CA GLY A 29 3.28 4.36 -1.60
C GLY A 29 3.92 3.03 -1.98
N ALA A 30 4.24 2.26 -0.95
CA ALA A 30 4.87 0.97 -1.09
C ALA A 30 4.85 0.33 0.29
N SER A 31 5.34 -0.90 0.40
CA SER A 31 5.36 -1.56 1.70
C SER A 31 6.64 -2.35 1.92
N LEU A 32 7.03 -2.46 3.20
CA LEU A 32 8.22 -3.21 3.58
C LEU A 32 7.85 -4.66 3.87
N ILE A 33 8.45 -5.62 3.14
CA ILE A 33 8.10 -7.02 3.39
C ILE A 33 9.28 -7.83 3.94
N SER A 34 10.46 -7.23 3.97
CA SER A 34 11.63 -7.83 4.62
C SER A 34 12.64 -6.72 4.82
N ASP A 35 13.83 -7.02 5.33
CA ASP A 35 14.76 -5.92 5.55
C ASP A 35 15.41 -5.44 4.25
N ARG A 36 15.15 -6.10 3.14
CA ARG A 36 15.77 -5.71 1.87
C ARG A 36 14.79 -5.63 0.71
N TRP A 37 13.52 -5.95 0.94
CA TRP A 37 12.54 -5.97 -0.15
C TRP A 37 11.32 -5.09 0.11
N VAL A 38 10.94 -4.32 -0.91
CA VAL A 38 9.81 -3.42 -0.84
C VAL A 38 8.86 -3.76 -1.99
N LEU A 39 7.58 -3.79 -1.67
CA LEU A 39 6.52 -4.09 -2.63
C LEU A 39 5.76 -2.83 -3.05
N THR A 40 5.43 -2.72 -4.33
CA THR A 40 4.65 -1.57 -4.79
C THR A 40 3.83 -1.95 -6.03
N ALA A 41 3.15 -0.96 -6.61
CA ALA A 41 2.42 -1.16 -7.85
C ALA A 41 3.35 -0.93 -9.05
N ALA A 42 3.27 -1.81 -10.05
CA ALA A 42 4.03 -1.62 -11.28
C ALA A 42 3.79 -0.26 -11.91
N HIS A 43 2.56 0.23 -11.88
CA HIS A 43 2.25 1.47 -12.61
C HIS A 43 2.89 2.70 -11.93
N CYS A 44 3.36 2.53 -10.69
CA CYS A 44 4.15 3.59 -10.06
C CYS A 44 5.48 3.79 -10.75
N LEU A 45 5.96 2.76 -11.42
CA LEU A 45 7.28 2.78 -12.05
C LEU A 45 7.20 2.83 -13.56
N LEU A 46 6.19 2.18 -14.12
CA LEU A 46 6.08 2.04 -15.57
C LEU A 46 4.65 2.26 -16.01
N TYR A 47 4.40 3.33 -16.76
CA TYR A 47 3.08 3.56 -17.34
C TYR A 47 3.24 4.43 -18.57
N PRO A 48 3.56 3.77 -19.71
CA PRO A 48 3.79 4.45 -21.00
C PRO A 48 2.71 5.45 -21.44
N PRO A 49 1.41 5.19 -21.16
CA PRO A 49 0.45 6.22 -21.59
C PRO A 49 0.69 7.60 -20.99
N TRP A 50 1.31 7.66 -19.82
CA TRP A 50 1.62 8.94 -19.17
C TRP A 50 3.11 9.25 -19.19
N ASP A 51 3.83 8.62 -20.12
CA ASP A 51 5.28 8.79 -20.25
C ASP A 51 6.02 8.56 -18.93
N LYS A 52 5.58 7.55 -18.19
CA LYS A 52 6.21 7.21 -16.91
C LYS A 52 7.09 5.98 -17.08
N ASN A 53 8.37 6.12 -16.76
CA ASN A 53 9.30 5.00 -16.81
C ASN A 53 10.48 5.29 -15.95
N PHE A 54 10.34 5.04 -14.65
CA PHE A 54 11.42 5.33 -13.71
C PHE A 54 12.44 4.20 -13.67
N THR A 55 13.69 4.57 -13.48
CA THR A 55 14.76 3.60 -13.25
C THR A 55 15.21 3.70 -11.80
N GLU A 56 16.04 2.76 -11.36
CA GLU A 56 16.49 2.70 -9.97
C GLU A 56 17.04 4.02 -9.43
N ASN A 57 17.85 4.71 -10.24
CA ASN A 57 18.55 5.90 -9.77
C ASN A 57 17.66 7.14 -9.68
N ASP A 58 16.42 7.05 -10.18
CA ASP A 58 15.50 8.18 -10.13
C ASP A 58 14.86 8.34 -8.77
N LEU A 59 14.91 7.30 -7.94
CA LEU A 59 14.04 7.20 -6.79
C LEU A 59 14.76 6.90 -5.48
N LEU A 60 14.08 7.24 -4.40
CA LEU A 60 14.50 6.84 -3.06
C LEU A 60 13.33 6.19 -2.35
N VAL A 61 13.64 5.35 -1.38
CA VAL A 61 12.64 4.73 -0.54
C VAL A 61 12.77 5.35 0.84
N ARG A 62 11.67 5.87 1.38
CA ARG A 62 11.70 6.49 2.72
C ARG A 62 10.79 5.68 3.64
N ILE A 63 11.37 5.17 4.71
CA ILE A 63 10.71 4.20 5.56
C ILE A 63 10.61 4.73 6.98
N GLY A 64 9.52 4.42 7.67
CA GLY A 64 9.33 4.89 9.03
C GLY A 64 8.71 6.26 9.13
N LYS A 65 8.14 6.75 8.02
CA LYS A 65 7.62 8.12 8.00
C LYS A 65 6.23 8.27 8.57
N HIS A 66 5.93 9.49 8.98
CA HIS A 66 4.60 9.88 9.43
C HIS A 66 4.19 11.17 8.72
N SER A 67 4.94 12.23 8.97
CA SER A 67 4.79 13.47 8.23
C SER A 67 5.03 13.22 6.75
N ARG A 68 4.19 13.83 5.91
CA ARG A 68 4.37 13.73 4.46
C ARG A 68 5.64 14.45 4.00
N THR A 69 5.78 15.71 4.39
CA THR A 69 6.82 16.55 3.77
C THR A 69 8.10 16.74 4.58
N ARG A 70 8.02 16.52 5.90
N ARG A 70 8.04 16.51 5.88
CA ARG A 70 9.16 16.75 6.80
CA ARG A 70 9.19 16.81 6.74
C ARG A 70 10.25 15.70 6.61
C ARG A 70 10.23 15.71 6.71
N TYR A 71 11.50 16.10 6.84
CA TYR A 71 12.57 15.12 6.99
C TYR A 71 12.57 14.73 8.47
N GLU A 72 12.17 13.49 8.74
CA GLU A 72 11.93 13.05 10.11
C GLU A 72 13.19 12.46 10.71
N ARG A 73 14.10 13.37 11.03
CA ARG A 73 15.40 13.10 11.61
C ARG A 73 15.32 12.13 12.79
N ASN A 74 16.18 11.11 12.77
CA ASN A 74 16.29 10.08 13.81
C ASN A 74 15.12 9.10 13.83
N ILE A 75 14.24 9.20 12.84
CA ILE A 75 13.06 8.34 12.81
C ILE A 75 12.96 7.62 11.48
N GLU A 76 12.84 8.38 10.40
CA GLU A 76 12.77 7.75 9.09
C GLU A 76 14.17 7.32 8.66
N LYS A 77 14.19 6.35 7.74
CA LYS A 77 15.42 5.90 7.11
C LYS A 77 15.24 5.95 5.61
N ILE A 78 16.27 6.40 4.91
CA ILE A 78 16.20 6.58 3.47
C ILE A 78 17.12 5.59 2.76
N SER A 79 16.55 4.81 1.85
CA SER A 79 17.27 3.71 1.20
C SER A 79 17.35 3.91 -0.30
N MET A 80 18.46 3.46 -0.89
CA MET A 80 18.60 3.48 -2.34
C MET A 80 18.19 2.14 -2.94
N LEU A 81 17.77 2.17 -4.20
CA LEU A 81 17.30 0.97 -4.89
C LEU A 81 18.46 0.25 -5.60
N GLU A 82 18.57 -1.05 -5.37
CA GLU A 82 19.52 -1.87 -6.11
C GLU A 82 18.93 -2.29 -7.44
N LYS A 83 17.70 -2.80 -7.41
CA LYS A 83 17.05 -3.29 -8.61
C LYS A 83 15.53 -3.29 -8.49
N ILE A 84 14.88 -2.95 -9.60
CA ILE A 84 13.43 -3.02 -9.75
C ILE A 84 13.03 -4.26 -10.54
N TYR A 85 12.00 -4.96 -10.07
CA TYR A 85 11.43 -6.11 -10.78
C TYR A 85 9.95 -5.89 -11.02
N ILE A 86 9.58 -5.74 -12.29
CA ILE A 86 8.18 -5.58 -12.64
C ILE A 86 7.62 -6.92 -13.11
N HIS A 87 6.38 -7.24 -12.75
CA HIS A 87 5.79 -8.49 -13.22
C HIS A 87 5.87 -8.56 -14.75
N PRO A 88 6.35 -9.69 -15.29
CA PRO A 88 6.55 -9.81 -16.74
C PRO A 88 5.25 -9.76 -17.53
N ARG A 89 4.12 -9.99 -16.88
CA ARG A 89 2.83 -9.94 -17.54
C ARG A 89 1.95 -8.78 -17.02
N TYR A 90 2.59 -7.79 -16.41
CA TYR A 90 1.92 -6.55 -16.06
C TYR A 90 1.27 -5.92 -17.31
N ASN A 91 -0.03 -5.67 -17.24
CA ASN A 91 -0.80 -5.19 -18.41
C ASN A 91 -1.06 -3.69 -18.29
N TRP A 92 -0.10 -2.88 -18.71
CA TRP A 92 -0.28 -1.43 -18.69
C TRP A 92 -1.09 -0.97 -19.91
N ARG A 93 -1.25 -1.84 -20.89
N ARG A 93 -1.24 -1.83 -20.90
CA ARG A 93 -1.95 -1.45 -22.12
CA ARG A 93 -1.96 -1.44 -22.11
C ARG A 93 -3.45 -1.38 -21.97
C ARG A 93 -3.45 -1.29 -21.86
N GLU A 94 -4.03 -2.24 -21.12
CA GLU A 94 -5.47 -2.32 -21.01
C GLU A 94 -6.05 -1.94 -19.65
N ASN A 95 -5.78 -2.76 -18.62
CA ASN A 95 -6.52 -2.67 -17.36
C ASN A 95 -5.67 -2.79 -16.08
N LEU A 96 -4.37 -2.62 -16.20
CA LEU A 96 -3.45 -2.75 -15.06
C LEU A 96 -3.51 -4.13 -14.41
N ASP A 97 -3.83 -5.15 -15.19
CA ASP A 97 -3.74 -6.52 -14.69
C ASP A 97 -2.32 -6.82 -14.18
N ARG A 98 -2.22 -7.49 -13.03
CA ARG A 98 -0.94 -7.83 -12.39
C ARG A 98 -0.11 -6.57 -12.10
N ASP A 99 -0.74 -5.60 -11.45
CA ASP A 99 -0.11 -4.32 -11.14
C ASP A 99 0.77 -4.46 -9.89
N ILE A 100 1.97 -4.99 -10.10
CA ILE A 100 2.83 -5.35 -8.99
C ILE A 100 4.30 -5.26 -9.38
N ALA A 101 5.11 -4.78 -8.44
CA ALA A 101 6.54 -4.66 -8.66
C ALA A 101 7.25 -4.83 -7.33
N LEU A 102 8.46 -5.37 -7.40
CA LEU A 102 9.33 -5.48 -6.25
C LEU A 102 10.55 -4.60 -6.40
N MET A 103 11.06 -4.12 -5.27
CA MET A 103 12.29 -3.32 -5.27
C MET A 103 13.22 -3.88 -4.22
N LYS A 104 14.44 -4.21 -4.63
CA LYS A 104 15.45 -4.66 -3.70
C LYS A 104 16.30 -3.47 -3.28
N LEU A 105 16.48 -3.29 -1.97
CA LEU A 105 17.28 -2.18 -1.44
C LEU A 105 18.77 -2.49 -1.52
N LYS A 106 19.58 -1.44 -1.63
CA LYS A 106 21.02 -1.64 -1.70
C LYS A 106 21.58 -2.19 -0.39
N LYS A 107 20.98 -1.78 0.72
CA LYS A 107 21.41 -2.21 2.05
C LYS A 107 20.18 -2.52 2.89
N PRO A 108 20.29 -3.48 3.80
CA PRO A 108 19.16 -3.78 4.67
C PRO A 108 18.80 -2.61 5.57
N VAL A 109 17.50 -2.40 5.80
CA VAL A 109 17.06 -1.34 6.69
C VAL A 109 16.95 -1.90 8.11
N ALA A 110 17.38 -1.10 9.08
CA ALA A 110 17.27 -1.49 10.48
C ALA A 110 15.84 -1.31 10.97
N PHE A 111 15.30 -2.33 11.63
CA PHE A 111 13.95 -2.25 12.17
C PHE A 111 13.97 -1.41 13.45
N SER A 112 12.81 -0.82 13.75
CA SER A 112 12.69 0.09 14.88
C SER A 112 11.21 0.14 15.31
N ASP A 113 10.89 1.00 16.28
CA ASP A 113 9.48 1.20 16.64
C ASP A 113 8.64 1.63 15.44
N TYR A 114 9.28 2.22 14.44
CA TYR A 114 8.57 2.87 13.33
C TYR A 114 8.74 2.11 12.02
N ILE A 115 9.57 1.08 12.04
CA ILE A 115 9.96 0.37 10.83
C ILE A 115 9.89 -1.14 11.07
N HIS A 116 8.99 -1.82 10.37
CA HIS A 116 8.76 -3.24 10.62
C HIS A 116 7.98 -3.83 9.47
N PRO A 117 8.35 -5.05 9.03
CA PRO A 117 7.69 -5.61 7.85
C PRO A 117 6.29 -6.16 8.12
N VAL A 118 5.47 -6.10 7.08
CA VAL A 118 4.14 -6.71 7.06
C VAL A 118 4.26 -8.16 6.55
N CYS A 119 3.33 -9.02 6.93
CA CYS A 119 3.28 -10.39 6.41
C CYS A 119 2.63 -10.47 5.05
N LEU A 120 3.08 -11.42 4.23
CA LEU A 120 2.35 -11.73 3.01
C LEU A 120 1.50 -12.96 3.30
N PRO A 121 0.28 -12.99 2.73
CA PRO A 121 -0.69 -14.06 3.02
C PRO A 121 -0.34 -15.41 2.42
N ASP A 122 -0.62 -16.45 3.19
CA ASP A 122 -0.67 -17.83 2.72
C ASP A 122 -2.04 -18.07 2.10
N ARG A 123 -2.22 -19.23 1.45
CA ARG A 123 -3.50 -19.55 0.83
C ARG A 123 -4.65 -19.57 1.84
N GLU A 124 -4.39 -20.11 3.01
CA GLU A 124 -5.43 -20.26 4.04
C GLU A 124 -5.90 -18.92 4.59
N THR A 125 -4.94 -18.04 4.85
CA THR A 125 -5.28 -16.72 5.38
C THR A 125 -6.03 -15.93 4.32
N ALA A 126 -5.60 -16.06 3.06
CA ALA A 126 -6.28 -15.39 1.96
C ALA A 126 -7.71 -15.89 1.83
N ALA A 127 -7.89 -17.21 1.84
CA ALA A 127 -9.22 -17.78 1.69
C ALA A 127 -10.13 -17.34 2.83
N SER A 128 -9.58 -17.31 4.04
CA SER A 128 -10.35 -16.93 5.22
C SER A 128 -10.79 -15.47 5.23
N LEU A 129 -9.90 -14.57 4.82
CA LEU A 129 -10.14 -13.16 5.02
C LEU A 129 -10.63 -12.39 3.80
N LEU A 130 -10.36 -12.89 2.59
CA LEU A 130 -10.78 -12.17 1.39
C LEU A 130 -12.23 -12.49 1.06
N GLN A 131 -13.13 -11.97 1.89
CA GLN A 131 -14.56 -12.21 1.74
C GLN A 131 -15.30 -10.88 1.71
N ALA A 132 -16.35 -10.81 0.90
CA ALA A 132 -17.15 -9.59 0.83
C ALA A 132 -17.65 -9.20 2.21
N GLY A 133 -17.52 -7.92 2.53
CA GLY A 133 -17.92 -7.41 3.82
C GLY A 133 -16.79 -7.30 4.82
N TYR A 134 -15.80 -8.18 4.70
CA TYR A 134 -14.62 -8.11 5.57
C TYR A 134 -13.84 -6.85 5.28
N LYS A 135 -13.40 -6.15 6.32
CA LYS A 135 -12.74 -4.85 6.13
C LYS A 135 -11.23 -4.97 6.17
N GLY A 136 -10.57 -4.23 5.29
CA GLY A 136 -9.13 -4.04 5.37
C GLY A 136 -8.83 -2.58 5.58
N ARG A 137 -7.54 -2.26 5.61
CA ARG A 137 -7.10 -0.91 5.94
C ARG A 137 -6.13 -0.42 4.89
N VAL A 138 -6.35 0.80 4.41
CA VAL A 138 -5.49 1.39 3.39
C VAL A 138 -4.84 2.63 3.96
N THR A 139 -3.56 2.83 3.64
CA THR A 139 -2.82 3.97 4.17
C THR A 139 -2.04 4.67 3.07
N GLY A 140 -1.85 5.98 3.22
CA GLY A 140 -1.08 6.70 2.23
C GLY A 140 -1.01 8.21 2.42
N TRP A 141 -0.14 8.85 1.64
CA TRP A 141 0.02 10.30 1.69
C TRP A 141 -0.58 10.98 0.46
N GLY A 142 -1.43 10.26 -0.27
CA GLY A 142 -2.03 10.75 -1.48
C GLY A 142 -3.11 11.79 -1.26
N ASN A 143 -3.73 12.24 -2.35
CA ASN A 143 -4.71 13.31 -2.30
C ASN A 143 -5.87 13.06 -1.33
N LEU A 144 -6.32 14.13 -0.68
CA LEU A 144 -7.44 14.05 0.24
C LEU A 144 -8.77 14.12 -0.49
N LYS A 145 -8.71 14.60 -1.73
CA LYS A 145 -9.89 14.74 -2.59
C LYS A 145 -9.52 14.48 -4.03
N GLU A 146 -10.50 14.08 -4.83
CA GLU A 146 -10.25 13.78 -6.24
C GLU A 146 -9.72 15.00 -6.98
N THR A 147 -10.36 16.15 -6.76
CA THR A 147 -9.97 17.38 -7.44
C THR A 147 -9.49 18.43 -6.45
N GLY A 155 -6.28 19.31 0.00
CA GLY A 155 -5.28 19.01 -1.00
C GLY A 155 -4.45 17.79 -0.66
N GLN A 156 -3.29 18.04 -0.02
CA GLN A 156 -2.40 16.97 0.42
C GLN A 156 -2.27 16.98 1.94
N PRO A 157 -2.22 15.80 2.56
CA PRO A 157 -2.22 15.70 4.03
C PRO A 157 -0.89 16.09 4.70
N SER A 158 -0.96 16.58 5.94
CA SER A 158 0.24 16.83 6.72
C SER A 158 0.90 15.51 7.13
N VAL A 159 0.10 14.51 7.49
CA VAL A 159 0.66 13.23 7.90
C VAL A 159 -0.08 12.06 7.26
N LEU A 160 0.52 10.88 7.37
CA LEU A 160 -0.05 9.64 6.86
C LEU A 160 -1.54 9.48 7.19
N GLN A 161 -2.33 9.14 6.19
CA GLN A 161 -3.77 8.95 6.35
C GLN A 161 -4.14 7.48 6.34
N VAL A 162 -5.21 7.16 7.07
N VAL A 162 -5.21 7.16 7.09
CA VAL A 162 -5.69 5.77 7.19
CA VAL A 162 -5.72 5.80 7.18
C VAL A 162 -7.21 5.69 6.99
C VAL A 162 -7.22 5.75 6.87
N VAL A 163 -7.67 4.65 6.29
CA VAL A 163 -9.10 4.40 6.15
C VAL A 163 -9.35 2.89 6.11
N ASN A 164 -10.42 2.47 6.78
CA ASN A 164 -10.83 1.07 6.79
C ASN A 164 -11.99 0.92 5.80
N LEU A 165 -11.91 -0.08 4.93
CA LEU A 165 -12.89 -0.25 3.86
C LEU A 165 -13.28 -1.71 3.66
N PRO A 166 -14.57 -1.97 3.41
CA PRO A 166 -15.01 -3.37 3.21
C PRO A 166 -14.75 -3.90 1.79
N ILE A 167 -14.32 -5.15 1.72
CA ILE A 167 -14.21 -5.85 0.44
C ILE A 167 -15.59 -6.00 -0.16
N VAL A 168 -15.68 -5.80 -1.49
CA VAL A 168 -16.96 -5.81 -2.18
C VAL A 168 -17.12 -7.08 -3.02
N GLU A 169 -18.35 -7.57 -3.11
CA GLU A 169 -18.71 -8.71 -3.95
C GLU A 169 -18.24 -8.51 -5.40
N ARG A 170 -17.65 -9.54 -6.00
N ARG A 170 -17.65 -9.54 -6.00
CA ARG A 170 -17.09 -9.41 -7.34
CA ARG A 170 -17.09 -9.42 -7.35
C ARG A 170 -18.09 -8.94 -8.42
C ARG A 170 -18.10 -8.92 -8.40
N PRO A 171 -19.34 -9.44 -8.40
CA PRO A 171 -20.29 -8.90 -9.39
C PRO A 171 -20.55 -7.40 -9.26
N VAL A 172 -20.53 -6.88 -8.03
CA VAL A 172 -20.74 -5.47 -7.81
C VAL A 172 -19.53 -4.68 -8.31
N CYS A 173 -18.33 -5.18 -8.04
CA CYS A 173 -17.12 -4.59 -8.63
C CYS A 173 -17.23 -4.52 -10.15
N LYS A 174 -17.59 -5.64 -10.77
CA LYS A 174 -17.67 -5.73 -12.22
C LYS A 174 -18.72 -4.77 -12.78
N ASP A 175 -19.86 -4.69 -12.10
CA ASP A 175 -20.97 -3.85 -12.57
C ASP A 175 -20.76 -2.36 -12.33
N SER A 176 -19.68 -1.99 -11.63
CA SER A 176 -19.41 -0.58 -11.32
C SER A 176 -18.55 0.11 -12.38
N THR A 177 -18.10 -0.64 -13.38
CA THR A 177 -17.07 -0.13 -14.27
C THR A 177 -17.18 -0.76 -15.66
N ARG A 178 -16.67 -0.07 -16.67
CA ARG A 178 -16.56 -0.66 -18.00
C ARG A 178 -15.22 -1.36 -18.21
N ILE A 179 -14.27 -1.13 -17.29
N ILE A 179 -14.27 -1.15 -17.29
CA ILE A 179 -12.96 -1.77 -17.34
CA ILE A 179 -12.97 -1.77 -17.41
C ILE A 179 -13.11 -3.28 -17.11
C ILE A 179 -13.05 -3.25 -17.08
N ARG A 180 -12.33 -4.07 -17.83
CA ARG A 180 -12.33 -5.52 -17.63
C ARG A 180 -11.59 -5.91 -16.35
N ILE A 181 -12.32 -6.46 -15.39
CA ILE A 181 -11.74 -6.89 -14.12
C ILE A 181 -11.20 -8.30 -14.27
N THR A 182 -10.12 -8.61 -13.56
CA THR A 182 -9.54 -9.94 -13.57
C THR A 182 -9.46 -10.54 -12.17
N ASP A 183 -9.15 -11.83 -12.13
CA ASP A 183 -8.95 -12.54 -10.87
C ASP A 183 -7.76 -12.00 -10.08
N ASN A 184 -6.91 -11.19 -10.71
CA ASN A 184 -5.76 -10.63 -10.03
C ASN A 184 -6.07 -9.28 -9.39
N MET A 185 -7.36 -8.94 -9.32
CA MET A 185 -7.83 -7.70 -8.69
C MET A 185 -8.95 -8.00 -7.71
N PHE A 186 -9.09 -7.17 -6.69
CA PHE A 186 -10.36 -7.13 -5.96
C PHE A 186 -10.73 -5.68 -5.73
N CYS A 187 -11.97 -5.43 -5.34
CA CYS A 187 -12.32 -4.04 -5.09
C CYS A 187 -12.90 -3.88 -3.70
N ALA A 188 -12.82 -2.67 -3.18
CA ALA A 188 -13.26 -2.38 -1.81
C ALA A 188 -13.80 -0.96 -1.70
N GLY A 189 -14.66 -0.75 -0.72
CA GLY A 189 -15.28 0.54 -0.53
C GLY A 189 -16.73 0.38 -0.13
N TYR A 190 -17.33 1.45 0.35
CA TYR A 190 -18.73 1.41 0.74
C TYR A 190 -19.65 1.63 -0.45
N LYS A 191 -20.84 1.04 -0.36
CA LYS A 191 -21.89 1.29 -1.33
C LYS A 191 -22.56 2.62 -1.03
N PRO A 192 -23.21 3.24 -2.04
CA PRO A 192 -23.94 4.47 -1.78
C PRO A 192 -24.94 4.35 -0.62
N ASP A 193 -25.55 3.18 -0.47
CA ASP A 193 -26.60 3.00 0.54
C ASP A 193 -26.05 2.80 1.96
N GLU A 194 -24.74 2.65 2.08
CA GLU A 194 -24.15 2.30 3.38
C GLU A 194 -23.77 3.53 4.21
N GLY A 195 -23.91 4.72 3.64
CA GLY A 195 -23.65 5.95 4.37
C GLY A 195 -22.18 6.32 4.47
N LYS A 196 -21.39 5.48 5.11
CA LYS A 196 -19.95 5.72 5.27
C LYS A 196 -19.27 5.82 3.91
N ARG A 197 -18.11 6.46 3.86
CA ARG A 197 -17.37 6.49 2.61
C ARG A 197 -15.86 6.42 2.84
N GLY A 198 -15.09 6.75 1.81
CA GLY A 198 -13.65 6.60 1.89
C GLY A 198 -13.08 5.85 0.70
N ASP A 199 -11.84 6.19 0.35
CA ASP A 199 -11.21 5.59 -0.82
C ASP A 199 -9.74 5.96 -0.79
N ALA A 200 -8.93 5.16 -1.48
CA ALA A 200 -7.59 5.60 -1.85
C ALA A 200 -7.71 6.64 -2.97
N CYS A 201 -6.61 7.33 -3.26
CA CYS A 201 -6.62 8.28 -4.35
C CYS A 201 -5.23 8.35 -4.99
N GLU A 202 -5.09 9.24 -5.98
CA GLU A 202 -3.80 9.55 -6.59
C GLU A 202 -2.73 9.83 -5.52
N GLY A 203 -1.59 9.16 -5.63
CA GLY A 203 -0.52 9.30 -4.66
C GLY A 203 -0.50 8.17 -3.63
N ASP A 204 -1.64 7.50 -3.46
CA ASP A 204 -1.72 6.34 -2.56
C ASP A 204 -1.31 5.06 -3.26
N SER A 205 -1.27 5.09 -4.59
CA SER A 205 -0.90 3.92 -5.39
C SER A 205 0.33 3.24 -4.89
N GLY A 206 0.32 1.92 -4.92
CA GLY A 206 1.47 1.14 -4.49
C GLY A 206 1.46 0.82 -3.01
N GLY A 207 0.65 1.56 -2.24
CA GLY A 207 0.54 1.32 -0.81
C GLY A 207 -0.29 0.09 -0.48
N PRO A 208 -0.29 -0.32 0.78
CA PRO A 208 -0.89 -1.59 1.16
C PRO A 208 -2.35 -1.52 1.60
N PHE A 209 -3.10 -2.55 1.21
CA PHE A 209 -4.39 -2.88 1.80
C PHE A 209 -4.14 -4.04 2.74
N VAL A 210 -4.26 -3.80 4.06
CA VAL A 210 -3.88 -4.83 5.05
C VAL A 210 -5.08 -5.29 5.87
N MET A 211 -4.96 -6.49 6.43
CA MET A 211 -6.01 -7.06 7.27
C MET A 211 -5.33 -7.69 8.48
N LYS A 212 -5.96 -7.61 9.65
CA LYS A 212 -5.36 -8.20 10.84
C LYS A 212 -6.01 -9.56 11.07
N SER A 213 -5.22 -10.62 10.92
CA SER A 213 -5.78 -11.95 11.10
C SER A 213 -6.30 -12.17 12.52
N PRO A 214 -7.56 -12.61 12.66
CA PRO A 214 -8.09 -12.88 14.00
C PRO A 214 -7.60 -14.22 14.56
N PHE A 215 -6.88 -14.98 13.74
CA PHE A 215 -6.36 -16.27 14.12
C PHE A 215 -5.01 -16.15 14.83
N ASN A 216 -4.14 -15.27 14.32
CA ASN A 216 -2.81 -15.15 14.92
C ASN A 216 -2.41 -13.71 15.25
N ASN A 217 -3.35 -12.78 15.06
CA ASN A 217 -3.20 -11.37 15.40
C ASN A 217 -2.03 -10.67 14.69
N ARG A 218 -1.71 -11.14 13.49
CA ARG A 218 -0.71 -10.52 12.64
C ARG A 218 -1.35 -9.78 11.49
N TRP A 219 -0.71 -8.70 11.07
CA TRP A 219 -1.15 -7.97 9.89
C TRP A 219 -0.60 -8.58 8.60
N TYR A 220 -1.50 -8.76 7.64
CA TYR A 220 -1.20 -9.32 6.33
C TYR A 220 -1.53 -8.33 5.23
N GLN A 221 -0.66 -8.22 4.24
CA GLN A 221 -0.98 -7.36 3.11
C GLN A 221 -1.71 -8.15 2.03
N MET A 222 -3.00 -7.87 1.89
CA MET A 222 -3.83 -8.60 0.92
C MET A 222 -3.88 -7.89 -0.42
N GLY A 223 -3.69 -6.58 -0.42
CA GLY A 223 -3.85 -5.82 -1.66
C GLY A 223 -2.82 -4.73 -1.83
N ILE A 224 -2.70 -4.24 -3.07
CA ILE A 224 -1.86 -3.08 -3.39
C ILE A 224 -2.78 -2.07 -4.03
N VAL A 225 -2.75 -0.82 -3.57
CA VAL A 225 -3.54 0.24 -4.22
C VAL A 225 -3.18 0.34 -5.69
N SER A 226 -4.17 0.11 -6.56
CA SER A 226 -3.91 0.00 -8.00
C SER A 226 -4.63 1.05 -8.86
N TRP A 227 -5.96 1.06 -8.84
CA TRP A 227 -6.67 1.98 -9.73
C TRP A 227 -8.07 2.25 -9.26
N GLY A 228 -8.70 3.24 -9.89
CA GLY A 228 -10.03 3.68 -9.51
C GLY A 228 -10.44 4.80 -10.44
N GLU A 229 -11.74 4.93 -10.66
CA GLU A 229 -12.26 5.97 -11.54
C GLU A 229 -12.62 7.17 -10.68
N GLY A 230 -11.75 8.18 -10.69
CA GLY A 230 -11.84 9.27 -9.73
C GLY A 230 -11.47 8.77 -8.34
N CYS A 231 -11.92 9.46 -7.30
CA CYS A 231 -11.73 9.00 -5.92
C CYS A 231 -12.99 9.25 -5.10
N ASP A 232 -13.39 8.23 -4.33
CA ASP A 232 -14.55 8.30 -3.44
C ASP A 232 -15.83 8.73 -4.16
N ARG A 233 -15.99 8.32 -5.40
CA ARG A 233 -17.24 8.59 -6.11
C ARG A 233 -18.31 7.59 -5.68
N ASP A 234 -19.54 8.06 -5.53
CA ASP A 234 -20.67 7.16 -5.26
C ASP A 234 -20.79 6.15 -6.40
N GLY A 235 -20.87 4.87 -6.04
CA GLY A 235 -21.07 3.83 -7.03
C GLY A 235 -19.81 3.33 -7.68
N LYS A 236 -18.68 3.97 -7.36
CA LYS A 236 -17.36 3.48 -7.78
C LYS A 236 -16.65 2.84 -6.61
N TYR A 237 -15.63 2.02 -6.91
CA TYR A 237 -14.88 1.33 -5.88
C TYR A 237 -13.39 1.41 -6.18
N GLY A 238 -12.58 1.23 -5.16
CA GLY A 238 -11.14 1.20 -5.38
C GLY A 238 -10.74 -0.21 -5.74
N PHE A 239 -9.81 -0.33 -6.69
CA PHE A 239 -9.33 -1.64 -7.10
C PHE A 239 -7.91 -1.85 -6.63
N TYR A 240 -7.64 -3.10 -6.23
CA TYR A 240 -6.43 -3.48 -5.54
C TYR A 240 -5.83 -4.69 -6.19
N THR A 241 -4.51 -4.72 -6.33
CA THR A 241 -3.82 -5.92 -6.80
C THR A 241 -3.97 -7.02 -5.77
N HIS A 242 -4.36 -8.21 -6.23
CA HIS A 242 -4.59 -9.36 -5.35
C HIS A 242 -3.25 -10.03 -5.03
N VAL A 243 -2.65 -9.69 -3.89
CA VAL A 243 -1.28 -10.10 -3.58
C VAL A 243 -1.11 -11.62 -3.53
N PHE A 244 -2.04 -12.34 -2.92
CA PHE A 244 -1.87 -13.77 -2.85
C PHE A 244 -1.86 -14.42 -4.23
N ARG A 245 -2.69 -13.93 -5.15
CA ARG A 245 -2.74 -14.49 -6.50
C ARG A 245 -1.39 -14.36 -7.22
N LEU A 246 -0.57 -13.40 -6.82
CA LEU A 246 0.72 -13.20 -7.46
C LEU A 246 1.89 -13.57 -6.56
N LYS A 247 1.62 -14.31 -5.47
CA LYS A 247 2.69 -14.62 -4.52
C LYS A 247 3.74 -15.57 -5.09
N LYS A 248 3.35 -16.43 -6.03
CA LYS A 248 4.32 -17.35 -6.64
C LYS A 248 5.38 -16.57 -7.40
N TRP A 249 4.98 -15.46 -8.04
CA TRP A 249 5.93 -14.60 -8.72
C TRP A 249 6.83 -13.88 -7.72
N ILE A 250 6.21 -13.40 -6.65
CA ILE A 250 6.94 -12.73 -5.57
C ILE A 250 8.04 -13.64 -5.04
N GLN A 251 7.66 -14.88 -4.72
CA GLN A 251 8.60 -15.83 -4.15
C GLN A 251 9.70 -16.19 -5.15
N LYS A 252 9.34 -16.28 -6.42
CA LYS A 252 10.30 -16.60 -7.47
C LYS A 252 11.38 -15.53 -7.57
N VAL A 253 10.97 -14.26 -7.50
CA VAL A 253 11.92 -13.15 -7.57
C VAL A 253 12.84 -13.13 -6.35
N ILE A 254 12.26 -13.24 -5.16
CA ILE A 254 13.07 -13.21 -3.95
C ILE A 254 13.99 -14.43 -3.88
N ASP A 255 13.52 -15.59 -4.33
CA ASP A 255 14.36 -16.80 -4.35
C ASP A 255 15.54 -16.67 -5.31
N GLN A 256 15.27 -16.11 -6.49
CA GLN A 256 16.27 -16.01 -7.55
C GLN A 256 17.29 -14.90 -7.27
N PHE A 257 16.81 -13.76 -6.77
CA PHE A 257 17.66 -12.59 -6.63
C PHE A 257 17.94 -12.23 -5.17
N GLY A 258 17.48 -12.90 -4.23
N ASP B 2 5.91 21.14 -0.88
CA ASP B 2 6.59 21.79 0.24
C ASP B 2 7.47 20.80 1.00
N PHE B 3 8.24 20.00 0.27
CA PHE B 3 9.07 18.99 0.90
C PHE B 3 10.35 19.57 1.48
N GLU B 4 10.64 19.21 2.73
CA GLU B 4 11.90 19.60 3.36
C GLU B 4 13.05 18.87 2.68
N GLU B 5 14.16 19.56 2.53
CA GLU B 5 15.36 18.98 1.92
C GLU B 5 15.87 17.82 2.76
N ILE B 6 16.34 16.76 2.10
CA ILE B 6 16.89 15.62 2.79
C ILE B 6 18.42 15.71 2.78
N PRO B 7 19.09 15.04 3.73
CA PRO B 7 20.56 15.08 3.77
C PRO B 7 21.19 14.73 2.43
N GLU B 8 22.27 15.43 2.09
CA GLU B 8 22.90 15.31 0.78
C GLU B 8 23.39 13.90 0.49
N GLU B 9 23.76 13.18 1.55
CA GLU B 9 24.31 11.83 1.41
C GLU B 9 23.38 10.89 0.63
N TYS B 10 22.09 11.13 0.71
CA TYS B 10 21.12 10.25 0.07
CB TYS B 10 19.79 10.31 0.82
CG TYS B 10 19.85 9.95 2.25
CD1 TYS B 10 20.24 8.70 2.62
CD2 TYS B 10 19.52 10.94 3.24
CE1 TYS B 10 20.30 8.36 4.01
CE2 TYS B 10 19.59 10.60 4.59
CZ TYS B 10 19.97 9.33 4.98
OH TYS B 10 20.05 9.01 6.36
S TYS B 10 18.88 8.40 7.06
O1 TYS B 10 19.18 8.38 8.43
O2 TYS B 10 17.68 9.21 6.83
O3 TYS B 10 18.70 6.98 6.54
C TYS B 10 20.90 10.55 -1.38
O TYS B 10 20.26 9.74 -2.09
N LEU B 11 21.41 11.67 -1.84
CA LEU B 11 21.22 12.07 -3.23
C LEU B 11 22.48 11.81 -4.05
N GLN B 12 23.57 11.50 -3.37
CA GLN B 12 24.85 11.24 -4.01
C GLN B 12 24.79 9.99 -4.88
N ALA C 2 9.77 -13.97 10.40
CA ALA C 2 9.24 -14.66 11.57
C ALA C 2 8.42 -13.72 12.44
N ASP C 3 8.84 -12.45 12.48
CA ASP C 3 8.22 -11.46 13.34
C ASP C 3 7.30 -10.54 12.54
N CYS C 4 6.97 -10.95 11.31
CA CYS C 4 6.22 -10.04 10.44
C CYS C 4 4.85 -9.69 11.02
N GLY C 5 4.39 -8.48 10.72
CA GLY C 5 3.01 -8.12 11.00
C GLY C 5 2.66 -7.87 12.44
N LEU C 6 3.68 -7.79 13.30
CA LEU C 6 3.48 -7.49 14.72
C LEU C 6 4.17 -6.16 14.99
N ARG C 7 3.37 -5.15 15.34
CA ARG C 7 3.88 -3.77 15.46
C ARG C 7 4.48 -3.51 16.82
N PRO C 8 5.69 -2.93 16.84
CA PRO C 8 6.36 -2.62 18.12
C PRO C 8 5.50 -1.79 19.07
N LEU C 9 4.72 -0.84 18.54
CA LEU C 9 3.99 0.08 19.41
C LEU C 9 2.57 -0.38 19.68
N PHE C 10 2.20 -1.53 19.12
CA PHE C 10 0.86 -2.06 19.34
C PHE C 10 0.90 -3.53 19.76
N GLU C 11 0.88 -4.47 18.84
CA GLU C 11 0.86 -5.88 19.24
C GLU C 11 1.97 -6.25 20.21
N LYS C 12 3.18 -5.73 19.99
CA LYS C 12 4.31 -6.14 20.83
C LYS C 12 4.16 -5.70 22.28
N LYS C 13 3.32 -4.68 22.49
N LYS C 13 3.35 -4.67 22.53
CA LYS C 13 3.05 -4.13 23.83
CA LYS C 13 3.11 -4.26 23.91
C LYS C 13 1.64 -4.47 24.32
C LYS C 13 1.63 -4.42 24.28
N SER C 14 0.92 -5.24 23.52
CA SER C 14 -0.51 -5.52 23.76
C SER C 14 -1.35 -4.23 23.89
N LEU C 15 -1.10 -3.29 23.00
CA LEU C 15 -1.92 -2.09 22.84
C LEU C 15 -2.65 -2.18 21.52
N GLU C 16 -3.91 -1.75 21.51
CA GLU C 16 -4.66 -1.71 20.25
C GLU C 16 -4.73 -0.31 19.71
N ASP C 17 -4.79 -0.19 18.38
CA ASP C 17 -4.97 1.12 17.79
C ASP C 17 -6.48 1.46 17.79
N LYS C 18 -6.80 2.69 17.42
CA LYS C 18 -8.13 3.23 17.67
C LYS C 18 -9.24 2.63 16.80
N THR C 19 -8.89 1.99 15.70
CA THR C 19 -9.92 1.44 14.82
C THR C 19 -9.74 -0.02 14.40
N GLU C 20 -8.75 -0.72 14.94
CA GLU C 20 -8.58 -2.11 14.50
C GLU C 20 -9.77 -2.99 14.90
N ARG C 21 -10.48 -2.60 15.95
CA ARG C 21 -11.66 -3.36 16.38
C ARG C 21 -12.73 -3.34 15.26
N GLU C 22 -12.80 -2.27 14.48
CA GLU C 22 -13.73 -2.21 13.35
C GLU C 22 -13.45 -3.35 12.37
N LEU C 23 -12.17 -3.64 12.16
CA LEU C 23 -11.80 -4.74 11.27
C LEU C 23 -12.26 -6.06 11.87
N LEU C 24 -11.93 -6.30 13.13
CA LEU C 24 -12.27 -7.55 13.80
C LEU C 24 -13.78 -7.82 13.75
N GLU C 25 -14.55 -6.77 13.97
CA GLU C 25 -16.00 -6.91 14.03
C GLU C 25 -16.59 -7.29 12.66
N SER C 26 -15.85 -7.00 11.60
CA SER C 26 -16.31 -7.34 10.24
C SER C 26 -15.97 -8.78 9.87
N TYR C 27 -15.08 -9.41 10.63
CA TYR C 27 -14.65 -10.77 10.30
C TYR C 27 -15.61 -11.75 10.93
N ILE C 28 -16.73 -11.97 10.23
CA ILE C 28 -17.81 -12.82 10.70
C ILE C 28 -17.64 -14.25 10.22
NA NA D . -19.01 -3.81 -16.12
NA NA E . -17.30 4.94 -3.86
O3 6V2 F . -8.04 8.17 -14.57
S 6V2 F . -8.62 7.62 -13.39
O2 6V2 F . -9.88 8.10 -12.93
C20 6V2 F . -7.47 7.80 -12.04
C21 6V2 F . -7.50 9.18 -11.44
C26 6V2 F . -6.93 10.25 -12.11
C25 6V2 F . -6.97 11.52 -11.57
C24 6V2 F . -7.58 11.74 -10.35
C23 6V2 F . -8.16 10.68 -9.68
C22 6V2 F . -8.11 9.41 -10.22
N4 6V2 F . -8.80 6.03 -13.65
C12 6V2 F . -7.91 5.17 -14.44
C13 6V2 F . -8.69 3.93 -14.90
C14 6V2 F . -7.82 2.92 -15.60
C19 6V2 F . -7.54 1.69 -15.01
C18 6V2 F . -6.74 0.77 -15.64
C17 6V2 F . -6.20 1.06 -16.88
C16 6V2 F . -6.48 2.26 -17.48
C15 6V2 F . -7.29 3.18 -16.86
C11 6V2 F . -6.81 4.75 -13.46
O1 6V2 F . -7.10 4.43 -12.32
N 6V2 F . -5.53 4.71 -13.88
C 6V2 F . -5.09 5.10 -15.21
C1 6V2 F . -4.50 4.26 -12.96
C2 6V2 F . -4.35 5.20 -11.78
O 6V2 F . -4.46 6.43 -11.93
N1 6V2 F . -4.12 4.65 -10.60
C3 6V2 F . -4.03 5.45 -9.40
C4 6V2 F . -5.25 5.37 -8.52
C9 6V2 F . -5.29 4.52 -7.44
C8 6V2 F . -6.43 4.38 -6.68
C7 6V2 F . -7.58 5.10 -6.98
C10 6V2 F . -8.81 4.94 -6.17
N3 6V2 F . -8.95 4.01 -5.29
N2 6V2 F . -9.80 5.81 -6.34
C6 6V2 F . -7.54 5.98 -8.06
C5 6V2 F . -6.39 6.11 -8.82
P PO4 G . -3.87 -10.09 -19.82
O1 PO4 G . -4.24 -11.53 -19.49
O2 PO4 G . -4.30 -9.77 -21.22
O3 PO4 G . -2.38 -9.92 -19.70
O4 PO4 G . -4.56 -9.16 -18.83
C1 NAG H . 11.67 1.92 -20.03
C2 NAG H . 11.58 1.50 -21.51
C3 NAG H . 12.48 0.36 -21.79
C4 NAG H . 13.83 0.71 -21.44
C5 NAG H . 13.95 1.10 -20.00
C6 NAG H . 15.29 1.60 -19.75
C7 NAG H . 9.24 0.20 -21.53
C8 NAG H . 9.54 -0.84 -20.52
N2 NAG H . 10.20 1.27 -21.95
O3 NAG H . 12.42 0.00 -23.17
O4 NAG H . 14.75 -0.34 -21.77
O5 NAG H . 12.98 2.19 -19.65
O6 NAG H . 15.65 2.79 -20.38
O7 NAG H . 8.13 0.21 -22.05
#